data_4L8P
#
_entry.id   4L8P
#
_cell.length_a   58.905
_cell.length_b   58.905
_cell.length_c   91.340
_cell.angle_alpha   90.000
_cell.angle_beta   90.000
_cell.angle_gamma   120.000
#
_symmetry.space_group_name_H-M   'P 63'
#
loop_
_entity.id
_entity.type
_entity.pdbx_description
1 polymer 'Bile acid 7a-dehydratase, BaiE'
2 non-polymer 'NICKEL (II) ION'
3 non-polymer 'SODIUM ION'
4 non-polymer 'TRIETHYLENE GLYCOL'
5 non-polymer 'PENTAETHYLENE GLYCOL'
6 water water
#
_entity_poly.entity_id   1
_entity_poly.type   'polypeptide(L)'
_entity_poly.pdbx_seq_one_letter_code
;(MSE)GSDKIHHHHHHENLYFQG(MSE)TLEARIEALEKEIQRLNDIEAIKQLKAKYFRCLDGKLWDELETTLSPNIETS
YSDGKLVFHSPKEVTEYLAAA(MSE)PKEEIS(MSE)H(MSE)GHTPEITIDSENTATGRWYLEDNLIFTDGKYKNVGIN
GGAFYTDKYEKIDGQWYIKETGYVRIFEEHF(MSE)RDPKIHITSN(MSE)HKEK
;
_entity_poly.pdbx_strand_id   A
#
loop_
_chem_comp.id
_chem_comp.type
_chem_comp.name
_chem_comp.formula
1PE non-polymer 'PENTAETHYLENE GLYCOL' 'C10 H22 O6'
NA non-polymer 'SODIUM ION' 'Na 1'
NI non-polymer 'NICKEL (II) ION' 'Ni 2'
PGE non-polymer 'TRIETHYLENE GLYCOL' 'C6 H14 O4'
#
# COMPACT_ATOMS: atom_id res chain seq x y z
N GLY A 19 38.15 23.00 4.24
CA GLY A 19 36.90 23.54 4.82
C GLY A 19 35.84 23.75 3.75
N MSE A 20 34.63 24.07 4.20
CA MSE A 20 33.46 24.24 3.32
C MSE A 20 33.01 25.67 3.39
O MSE A 20 33.02 26.29 4.46
CB MSE A 20 32.34 23.30 3.76
CG MSE A 20 32.58 21.85 3.33
SE MSE A 20 31.24 20.71 4.18
CE MSE A 20 29.80 21.10 2.93
N THR A 21 32.62 26.25 2.25
CA THR A 21 32.08 27.59 2.22
C THR A 21 30.61 27.55 2.70
N LEU A 22 30.03 28.72 2.94
CA LEU A 22 28.61 28.76 3.27
C LEU A 22 27.74 28.14 2.17
N GLU A 23 28.06 28.46 0.93
CA GLU A 23 27.31 27.87 -0.19
C GLU A 23 27.37 26.35 -0.21
N ALA A 24 28.57 25.77 0.01
CA ALA A 24 28.68 24.29 0.10
C ALA A 24 27.83 23.70 1.22
N ARG A 25 27.77 24.39 2.36
CA ARG A 25 27.02 23.92 3.48
C ARG A 25 25.51 23.98 3.21
N ILE A 26 25.08 25.03 2.49
CA ILE A 26 23.68 25.13 2.02
C ILE A 26 23.33 23.99 1.05
N GLU A 27 24.21 23.74 0.09
CA GLU A 27 24.02 22.61 -0.83
C GLU A 27 23.84 21.29 -0.12
N ALA A 28 24.65 21.06 0.92
CA ALA A 28 24.55 19.84 1.69
C ALA A 28 23.19 19.77 2.38
N LEU A 29 22.76 20.88 2.97
CA LEU A 29 21.47 20.92 3.68
C LEU A 29 20.29 20.68 2.74
N GLU A 30 20.37 21.27 1.54
CA GLU A 30 19.33 21.12 0.50
C GLU A 30 19.16 19.65 0.11
N LYS A 31 20.26 18.92 -0.06
CA LYS A 31 20.22 17.49 -0.35
C LYS A 31 19.61 16.69 0.82
N GLU A 32 20.04 16.97 2.04
CA GLU A 32 19.54 16.28 3.25
C GLU A 32 18.06 16.52 3.46
N ILE A 33 17.61 17.76 3.29
CA ILE A 33 16.20 18.09 3.52
C ILE A 33 15.33 17.46 2.41
N GLN A 34 15.83 17.44 1.17
CA GLN A 34 15.07 16.84 0.09
C GLN A 34 14.86 15.34 0.39
N ARG A 35 15.90 14.69 0.89
CA ARG A 35 15.79 13.27 1.25
C ARG A 35 14.72 13.06 2.32
N LEU A 36 14.76 13.86 3.39
CA LEU A 36 13.77 13.73 4.46
C LEU A 36 12.37 14.03 4.00
N ASN A 37 12.23 15.06 3.16
CA ASN A 37 10.93 15.35 2.56
C ASN A 37 10.39 14.19 1.71
N ASP A 38 11.26 13.60 0.89
CA ASP A 38 10.87 12.43 0.09
C ASP A 38 10.45 11.23 0.95
N ILE A 39 11.19 10.99 2.03
CA ILE A 39 10.87 9.90 2.93
C ILE A 39 9.49 10.12 3.52
N GLU A 40 9.24 11.34 4.02
CA GLU A 40 7.93 11.64 4.59
C GLU A 40 6.81 11.54 3.56
N ALA A 41 7.02 12.01 2.33
CA ALA A 41 6.03 11.94 1.26
C ALA A 41 5.67 10.48 0.93
N ILE A 42 6.69 9.63 0.94
CA ILE A 42 6.50 8.19 0.69
C ILE A 42 5.71 7.52 1.82
N LYS A 43 6.06 7.83 3.06
CA LYS A 43 5.29 7.27 4.21
C LYS A 43 3.79 7.68 4.14
N GLN A 44 3.52 8.92 3.71
CA GLN A 44 2.14 9.41 3.59
C GLN A 44 1.40 8.80 2.40
N LEU A 45 2.15 8.55 1.34
CA LEU A 45 1.65 7.87 0.14
C LEU A 45 1.18 6.47 0.50
N LYS A 46 2.04 5.73 1.20
CA LYS A 46 1.66 4.35 1.59
C LYS A 46 0.49 4.36 2.58
N ALA A 47 0.44 5.33 3.48
CA ALA A 47 -0.70 5.50 4.38
C ALA A 47 -1.99 5.69 3.61
N LYS A 48 -1.95 6.56 2.60
CA LYS A 48 -3.10 6.83 1.76
C LYS A 48 -3.52 5.54 1.02
N TYR A 49 -2.57 4.80 0.49
CA TYR A 49 -2.86 3.53 -0.16
C TYR A 49 -3.68 2.60 0.76
N PHE A 50 -3.20 2.40 2.00
CA PHE A 50 -3.90 1.50 2.92
C PHE A 50 -5.28 1.99 3.32
N ARG A 51 -5.37 3.29 3.55
CA ARG A 51 -6.66 3.89 3.90
C ARG A 51 -7.66 3.74 2.75
N CYS A 52 -7.22 3.99 1.52
CA CYS A 52 -8.12 3.83 0.37
C CYS A 52 -8.45 2.36 0.09
N LEU A 53 -7.47 1.47 0.29
CA LEU A 53 -7.68 0.04 0.11
C LEU A 53 -8.78 -0.48 1.03
N ASP A 54 -8.63 -0.20 2.32
CA ASP A 54 -9.58 -0.69 3.32
C ASP A 54 -10.89 0.07 3.30
N GLY A 55 -10.83 1.34 2.93
CA GLY A 55 -12.06 2.10 2.72
C GLY A 55 -12.78 1.79 1.41
N LYS A 56 -12.16 0.99 0.54
CA LYS A 56 -12.71 0.65 -0.79
C LYS A 56 -12.95 1.90 -1.66
N LEU A 57 -12.05 2.87 -1.52
CA LEU A 57 -12.09 4.12 -2.27
C LEU A 57 -11.22 3.95 -3.51
N TRP A 58 -11.80 3.28 -4.52
CA TRP A 58 -10.99 2.71 -5.57
C TRP A 58 -10.41 3.76 -6.50
N ASP A 59 -11.21 4.78 -6.81
CA ASP A 59 -10.72 5.91 -7.63
C ASP A 59 -9.58 6.66 -6.97
N GLU A 60 -9.73 6.93 -5.68
CA GLU A 60 -8.62 7.54 -4.90
C GLU A 60 -7.39 6.63 -4.79
N LEU A 61 -7.59 5.33 -4.56
CA LEU A 61 -6.46 4.40 -4.55
C LEU A 61 -5.66 4.44 -5.85
N GLU A 62 -6.38 4.55 -6.98
CA GLU A 62 -5.74 4.62 -8.28
C GLU A 62 -4.72 5.77 -8.40
N THR A 63 -4.95 6.86 -7.70
CA THR A 63 -4.04 8.04 -7.73
C THR A 63 -2.71 7.79 -7.02
N THR A 64 -2.61 6.74 -6.20
CA THR A 64 -1.35 6.36 -5.57
C THR A 64 -0.43 5.53 -6.46
N LEU A 65 -0.93 5.03 -7.58
CA LEU A 65 -0.21 4.13 -8.47
C LEU A 65 0.43 4.94 -9.59
N SER A 66 1.61 4.52 -9.97
CA SER A 66 2.35 5.28 -11.00
C SER A 66 1.58 5.43 -12.31
N PRO A 67 1.59 6.65 -12.90
CA PRO A 67 0.97 6.84 -14.23
C PRO A 67 1.87 6.36 -15.39
N ASN A 68 3.11 5.99 -15.08
CA ASN A 68 4.07 5.46 -16.07
C ASN A 68 3.69 4.02 -16.44
N ILE A 69 2.97 3.82 -17.54
N ILE A 69 3.00 3.86 -17.56
CA ILE A 69 2.53 2.47 -17.92
CA ILE A 69 2.52 2.56 -18.04
C ILE A 69 3.61 1.61 -18.62
C ILE A 69 3.61 1.60 -18.57
N GLU A 70 4.87 2.05 -18.60
CA GLU A 70 6.01 1.12 -18.75
C GLU A 70 6.10 0.21 -17.50
N THR A 71 5.55 0.70 -16.36
CA THR A 71 5.30 -0.12 -15.16
C THR A 71 4.47 -1.38 -15.45
N SER A 72 4.99 -2.53 -15.02
CA SER A 72 4.14 -3.69 -14.76
C SER A 72 3.78 -3.52 -13.27
N TYR A 73 2.49 -3.44 -13.00
CA TYR A 73 1.98 -3.22 -11.67
C TYR A 73 1.86 -4.60 -11.04
N SER A 74 2.83 -4.93 -10.19
CA SER A 74 2.92 -6.28 -9.64
C SER A 74 3.23 -6.27 -8.15
N ASP A 75 2.79 -7.32 -7.46
CA ASP A 75 3.24 -7.60 -6.10
C ASP A 75 4.14 -8.86 -6.07
N GLY A 76 4.61 -9.32 -7.24
CA GLY A 76 5.37 -10.54 -7.32
C GLY A 76 4.51 -11.77 -7.58
N LYS A 77 3.18 -11.65 -7.38
CA LYS A 77 2.25 -12.77 -7.53
C LYS A 77 1.18 -12.41 -8.57
N LEU A 78 0.56 -11.25 -8.35
CA LEU A 78 -0.45 -10.71 -9.23
C LEU A 78 0.21 -9.63 -10.07
N VAL A 79 -0.14 -9.55 -11.33
CA VAL A 79 0.45 -8.57 -12.22
C VAL A 79 -0.62 -7.99 -13.14
N PHE A 80 -0.62 -6.66 -13.23
CA PHE A 80 -1.54 -5.91 -14.07
C PHE A 80 -0.78 -4.88 -14.91
N HIS A 81 -1.47 -4.35 -15.91
CA HIS A 81 -0.80 -3.48 -16.90
C HIS A 81 -1.23 -2.01 -16.90
N SER A 82 -2.18 -1.65 -16.02
CA SER A 82 -2.53 -0.26 -15.78
C SER A 82 -3.05 -0.07 -14.35
N PRO A 83 -3.07 1.19 -13.86
CA PRO A 83 -3.74 1.45 -12.58
C PRO A 83 -5.20 1.04 -12.55
N LYS A 84 -5.94 1.24 -13.66
CA LYS A 84 -7.33 0.86 -13.71
C LYS A 84 -7.53 -0.66 -13.60
N GLU A 85 -6.64 -1.42 -14.23
CA GLU A 85 -6.69 -2.88 -14.11
C GLU A 85 -6.47 -3.31 -12.66
N VAL A 86 -5.57 -2.63 -11.96
CA VAL A 86 -5.33 -2.93 -10.55
C VAL A 86 -6.61 -2.68 -9.74
N THR A 87 -7.24 -1.51 -9.92
CA THR A 87 -8.43 -1.20 -9.12
C THR A 87 -9.67 -2.01 -9.52
N GLU A 88 -9.77 -2.40 -10.81
CA GLU A 88 -10.80 -3.36 -11.20
C GLU A 88 -10.66 -4.72 -10.52
N TYR A 89 -9.43 -5.22 -10.44
CA TYR A 89 -9.17 -6.45 -9.71
C TYR A 89 -9.56 -6.29 -8.23
N LEU A 90 -9.07 -5.23 -7.60
CA LEU A 90 -9.28 -5.05 -6.16
C LEU A 90 -10.77 -4.90 -5.80
N ALA A 91 -11.50 -4.15 -6.62
CA ALA A 91 -12.93 -3.97 -6.38
C ALA A 91 -13.68 -5.30 -6.41
N ALA A 92 -13.29 -6.20 -7.32
CA ALA A 92 -13.86 -7.54 -7.40
C ALA A 92 -13.38 -8.46 -6.28
N ALA A 93 -12.08 -8.41 -5.98
CA ALA A 93 -11.48 -9.27 -4.97
C ALA A 93 -11.82 -8.90 -3.53
N MSE A 94 -12.15 -7.62 -3.31
N MSE A 94 -12.03 -7.60 -3.27
CA MSE A 94 -12.39 -7.08 -1.96
CA MSE A 94 -12.36 -7.09 -1.93
C MSE A 94 -13.76 -6.43 -1.96
C MSE A 94 -13.72 -6.45 -1.96
O MSE A 94 -13.90 -5.20 -1.84
O MSE A 94 -13.83 -5.22 -1.87
CB MSE A 94 -11.28 -6.12 -1.62
CB MSE A 94 -11.36 -6.03 -1.47
CG MSE A 94 -9.98 -6.90 -1.70
CG MSE A 94 -9.93 -6.55 -1.35
SE MSE A 94 -8.62 -5.67 -1.15
SE MSE A 94 -9.50 -7.05 0.51
CE MSE A 94 -8.89 -5.75 0.75
CE MSE A 94 -7.56 -7.21 0.17
N PRO A 95 -14.80 -7.26 -2.10
CA PRO A 95 -16.16 -6.70 -2.23
C PRO A 95 -16.70 -6.14 -0.90
N LYS A 96 -17.88 -5.55 -0.95
CA LYS A 96 -18.51 -4.93 0.24
C LYS A 96 -18.64 -5.91 1.41
N GLU A 97 -18.79 -7.21 1.11
CA GLU A 97 -18.94 -8.24 2.15
C GLU A 97 -17.64 -8.56 2.85
N GLU A 98 -16.51 -8.02 2.38
CA GLU A 98 -15.22 -8.26 3.02
C GLU A 98 -14.72 -7.02 3.74
N ILE A 99 -14.67 -7.07 5.08
CA ILE A 99 -13.99 -6.06 5.88
C ILE A 99 -12.51 -6.41 5.84
N SER A 100 -11.67 -5.43 5.50
CA SER A 100 -10.22 -5.62 5.50
C SER A 100 -9.52 -4.57 6.35
N MSE A 101 -8.41 -4.97 6.96
N MSE A 101 -8.44 -5.00 7.01
CA MSE A 101 -7.53 -4.07 7.68
CA MSE A 101 -7.50 -4.11 7.67
C MSE A 101 -6.11 -4.46 7.33
C MSE A 101 -6.14 -4.53 7.20
O MSE A 101 -5.63 -5.50 7.78
O MSE A 101 -5.74 -5.68 7.41
CB MSE A 101 -7.83 -4.10 9.18
CB MSE A 101 -7.56 -4.17 9.19
CG MSE A 101 -9.06 -3.26 9.55
CG MSE A 101 -8.91 -3.66 9.66
SE MSE A 101 -9.71 -3.60 11.38
SE MSE A 101 -8.88 -2.99 11.51
CE MSE A 101 -8.09 -2.85 12.23
CE MSE A 101 -8.24 -4.66 12.34
N HIS A 102 -5.42 -3.61 6.56
CA HIS A 102 -4.02 -3.76 6.22
C HIS A 102 -3.25 -2.70 6.97
N MSE A 103 -2.51 -3.14 7.98
CA MSE A 103 -1.88 -2.26 8.97
C MSE A 103 -0.37 -2.31 8.76
O MSE A 103 0.27 -3.33 9.00
CB MSE A 103 -2.29 -2.73 10.37
CG MSE A 103 -3.80 -2.49 10.55
SE MSE A 103 -4.48 -3.41 12.15
CE MSE A 103 -4.43 -5.20 11.40
N GLY A 104 0.18 -1.20 8.28
CA GLY A 104 1.61 -1.08 8.07
C GLY A 104 2.32 -0.61 9.32
N HIS A 105 3.50 -1.19 9.51
CA HIS A 105 4.40 -0.86 10.62
C HIS A 105 5.83 -0.66 10.15
N THR A 106 6.57 0.09 10.98
CA THR A 106 8.02 0.13 10.96
C THR A 106 8.63 0.17 9.55
N PRO A 107 8.37 1.26 8.80
CA PRO A 107 8.94 1.41 7.47
C PRO A 107 10.46 1.62 7.47
N GLU A 108 11.10 1.11 6.44
CA GLU A 108 12.49 1.41 6.12
C GLU A 108 12.51 1.95 4.68
N ILE A 109 12.48 3.27 4.56
CA ILE A 109 12.47 3.96 3.27
C ILE A 109 13.91 4.39 2.89
N THR A 110 14.35 3.94 1.71
CA THR A 110 15.60 4.33 1.12
C THR A 110 15.32 5.11 -0.16
N ILE A 111 15.78 6.36 -0.21
CA ILE A 111 15.72 7.13 -1.45
C ILE A 111 16.93 6.71 -2.31
N ASP A 112 16.65 6.16 -3.48
CA ASP A 112 17.65 5.52 -4.33
C ASP A 112 18.24 6.46 -5.38
N SER A 113 17.47 7.48 -5.75
CA SER A 113 17.93 8.49 -6.72
C SER A 113 17.05 9.73 -6.53
N GLU A 114 17.13 10.67 -7.45
CA GLU A 114 16.27 11.86 -7.41
C GLU A 114 14.80 11.53 -7.62
N ASN A 115 14.49 10.37 -8.21
CA ASN A 115 13.11 10.03 -8.58
C ASN A 115 12.73 8.54 -8.43
N THR A 116 13.49 7.82 -7.62
CA THR A 116 13.23 6.42 -7.32
C THR A 116 13.52 6.15 -5.86
N ALA A 117 12.80 5.17 -5.31
CA ALA A 117 13.00 4.80 -3.92
C ALA A 117 12.48 3.43 -3.65
N THR A 118 12.88 2.90 -2.48
CA THR A 118 12.51 1.55 -2.02
C THR A 118 11.94 1.72 -0.63
N GLY A 119 10.91 0.93 -0.29
CA GLY A 119 10.35 0.98 1.04
C GLY A 119 9.99 -0.39 1.59
N ARG A 120 10.63 -0.76 2.69
CA ARG A 120 10.22 -1.95 3.43
C ARG A 120 9.12 -1.59 4.41
N TRP A 121 8.10 -2.44 4.45
CA TRP A 121 6.99 -2.27 5.35
C TRP A 121 6.69 -3.61 5.99
N TYR A 122 6.27 -3.56 7.25
CA TYR A 122 5.92 -4.77 8.03
C TYR A 122 4.38 -4.73 8.12
N LEU A 123 3.72 -5.64 7.40
CA LEU A 123 2.25 -5.66 7.28
C LEU A 123 1.63 -6.67 8.21
N GLU A 124 0.57 -6.28 8.90
CA GLU A 124 -0.42 -7.22 9.46
C GLU A 124 -1.74 -7.02 8.70
N ASP A 125 -2.38 -8.11 8.29
CA ASP A 125 -3.66 -8.05 7.61
C ASP A 125 -4.70 -8.89 8.36
N ASN A 126 -5.90 -8.36 8.48
CA ASN A 126 -7.05 -9.07 9.03
C ASN A 126 -8.20 -8.87 8.04
N LEU A 127 -8.84 -9.98 7.68
CA LEU A 127 -9.97 -9.97 6.74
C LEU A 127 -11.13 -10.69 7.40
N ILE A 128 -12.32 -10.11 7.26
CA ILE A 128 -13.58 -10.71 7.78
C ILE A 128 -14.65 -10.66 6.69
N PHE A 129 -15.22 -11.82 6.37
CA PHE A 129 -16.34 -11.91 5.43
C PHE A 129 -17.63 -11.95 6.24
N THR A 130 -18.55 -11.02 5.95
CA THR A 130 -19.77 -10.86 6.75
C THR A 130 -20.98 -11.49 6.14
N ASP A 131 -20.95 -11.72 4.82
CA ASP A 131 -22.13 -12.19 4.07
C ASP A 131 -21.61 -12.91 2.87
N GLY A 132 -22.50 -13.56 2.12
CA GLY A 132 -22.11 -14.30 0.92
C GLY A 132 -21.58 -15.70 1.19
N LYS A 133 -20.90 -16.25 0.18
CA LYS A 133 -20.40 -17.64 0.18
C LYS A 133 -19.35 -17.90 1.22
N TYR A 134 -18.56 -16.86 1.54
CA TYR A 134 -17.54 -16.98 2.54
C TYR A 134 -17.94 -16.37 3.87
N LYS A 135 -19.26 -16.21 4.12
CA LYS A 135 -19.75 -15.66 5.39
C LYS A 135 -19.09 -16.34 6.58
N ASN A 136 -18.58 -15.54 7.52
CA ASN A 136 -17.92 -15.97 8.76
C ASN A 136 -16.47 -16.46 8.62
N VAL A 137 -15.93 -16.44 7.41
CA VAL A 137 -14.50 -16.71 7.23
C VAL A 137 -13.73 -15.54 7.77
N GLY A 138 -12.69 -15.83 8.56
CA GLY A 138 -11.68 -14.83 8.92
C GLY A 138 -10.33 -15.29 8.40
N ILE A 139 -9.52 -14.32 7.99
CA ILE A 139 -8.15 -14.57 7.54
C ILE A 139 -7.26 -13.55 8.24
N ASN A 140 -6.21 -14.01 8.89
CA ASN A 140 -5.18 -13.15 9.52
C ASN A 140 -3.81 -13.52 8.96
N GLY A 141 -2.93 -12.55 8.84
CA GLY A 141 -1.58 -12.81 8.41
C GLY A 141 -0.60 -11.68 8.70
N GLY A 142 0.62 -11.93 8.29
CA GLY A 142 1.69 -10.94 8.34
C GLY A 142 2.57 -11.10 7.13
N ALA A 143 3.24 -10.03 6.73
CA ALA A 143 4.12 -10.06 5.59
C ALA A 143 5.18 -8.98 5.66
N PHE A 144 6.35 -9.26 5.06
CA PHE A 144 7.38 -8.25 4.85
C PHE A 144 7.28 -7.85 3.38
N TYR A 145 6.94 -6.59 3.14
CA TYR A 145 6.84 -6.01 1.78
C TYR A 145 8.05 -5.17 1.50
N THR A 146 8.52 -5.23 0.26
CA THR A 146 9.50 -4.28 -0.26
C THR A 146 8.94 -3.60 -1.51
N ASP A 147 8.53 -2.34 -1.34
CA ASP A 147 7.88 -1.52 -2.39
C ASP A 147 8.96 -0.80 -3.21
N LYS A 148 8.61 -0.48 -4.45
CA LYS A 148 9.40 0.40 -5.30
C LYS A 148 8.50 1.59 -5.66
N TYR A 149 9.08 2.78 -5.57
CA TYR A 149 8.37 4.04 -5.81
C TYR A 149 9.08 4.83 -6.88
N GLU A 150 8.32 5.69 -7.52
CA GLU A 150 8.91 6.64 -8.45
C GLU A 150 8.26 7.99 -8.32
N LYS A 151 9.06 9.01 -8.62
CA LYS A 151 8.66 10.40 -8.46
C LYS A 151 8.51 10.98 -9.87
N ILE A 152 7.31 11.49 -10.16
CA ILE A 152 6.98 12.03 -11.48
C ILE A 152 6.34 13.39 -11.25
N ASP A 153 6.92 14.43 -11.88
CA ASP A 153 6.44 15.81 -11.75
C ASP A 153 6.16 16.23 -10.30
N GLY A 154 7.10 15.92 -9.40
CA GLY A 154 7.04 16.35 -8.00
C GLY A 154 6.27 15.47 -7.03
N GLN A 155 5.66 14.40 -7.53
CA GLN A 155 4.76 13.56 -6.77
C GLN A 155 5.28 12.12 -6.78
N TRP A 156 5.24 11.48 -5.61
CA TRP A 156 5.60 10.08 -5.47
C TRP A 156 4.43 9.15 -5.76
N TYR A 157 4.72 8.03 -6.40
CA TYR A 157 3.76 6.98 -6.74
C TYR A 157 4.34 5.62 -6.44
N ILE A 158 3.44 4.65 -6.23
CA ILE A 158 3.82 3.25 -6.04
C ILE A 158 3.81 2.59 -7.42
N LYS A 159 4.92 1.90 -7.74
N LYS A 159 4.91 1.91 -7.76
CA LYS A 159 5.13 1.24 -9.03
CA LYS A 159 4.99 1.13 -9.01
C LYS A 159 4.91 -0.26 -8.90
C LYS A 159 4.63 -0.32 -8.72
N GLU A 160 5.45 -0.86 -7.84
N GLU A 160 5.40 -0.92 -7.83
CA GLU A 160 5.31 -2.30 -7.62
CA GLU A 160 5.36 -2.36 -7.65
C GLU A 160 5.93 -2.74 -6.30
C GLU A 160 5.83 -2.72 -6.26
N THR A 161 5.71 -3.99 -5.94
CA THR A 161 6.19 -4.50 -4.66
C THR A 161 6.47 -5.98 -4.75
N GLY A 162 7.07 -6.49 -3.69
CA GLY A 162 7.20 -7.92 -3.47
C GLY A 162 7.11 -8.19 -2.00
N TYR A 163 6.78 -9.44 -1.68
CA TYR A 163 6.63 -9.76 -0.26
C TYR A 163 6.99 -11.20 0.09
N VAL A 164 7.32 -11.38 1.37
CA VAL A 164 7.41 -12.67 2.00
C VAL A 164 6.28 -12.76 3.03
N ARG A 165 5.44 -13.78 2.91
CA ARG A 165 4.35 -14.00 3.84
C ARG A 165 4.94 -14.66 5.10
N ILE A 166 4.86 -13.98 6.25
CA ILE A 166 5.34 -14.52 7.51
C ILE A 166 4.46 -15.72 7.88
N PHE A 167 3.16 -15.44 7.85
CA PHE A 167 2.17 -16.48 8.02
C PHE A 167 0.81 -16.02 7.55
N GLU A 168 -0.08 -17.00 7.38
CA GLU A 168 -1.46 -16.73 7.05
C GLU A 168 -2.29 -17.85 7.66
N GLU A 169 -3.42 -17.49 8.27
CA GLU A 169 -4.32 -18.47 8.85
C GLU A 169 -5.74 -18.16 8.39
N HIS A 170 -6.48 -19.22 8.07
CA HIS A 170 -7.91 -19.15 7.70
C HIS A 170 -8.69 -19.94 8.73
N PHE A 171 -9.84 -19.39 9.10
CA PHE A 171 -10.67 -19.97 10.16
C PHE A 171 -12.12 -19.52 10.03
N MSE A 172 -13.03 -20.22 10.70
CA MSE A 172 -14.46 -19.84 10.73
C MSE A 172 -14.69 -19.11 12.02
O MSE A 172 -14.33 -19.60 13.08
CB MSE A 172 -15.38 -21.05 10.68
CG MSE A 172 -15.27 -21.83 9.38
SE MSE A 172 -15.78 -20.74 7.85
CE MSE A 172 -17.61 -20.26 8.34
N ARG A 173 -15.28 -17.92 11.93
CA ARG A 173 -15.60 -17.11 13.08
C ARG A 173 -16.92 -17.58 13.68
N ASP A 174 -17.01 -17.50 15.00
CA ASP A 174 -18.25 -17.82 15.71
C ASP A 174 -19.37 -16.86 15.26
N PRO A 175 -20.50 -17.40 14.74
CA PRO A 175 -21.54 -16.45 14.28
C PRO A 175 -22.22 -15.70 15.43
N LYS A 176 -21.97 -16.11 16.67
CA LYS A 176 -22.46 -15.39 17.86
C LYS A 176 -21.70 -14.09 18.16
N ILE A 177 -20.52 -13.91 17.57
CA ILE A 177 -19.81 -12.61 17.68
C ILE A 177 -20.74 -11.51 17.16
N HIS A 178 -20.76 -10.38 17.84
CA HIS A 178 -21.58 -9.23 17.47
C HIS A 178 -20.74 -8.21 16.77
N ILE A 179 -20.89 -8.08 15.46
CA ILE A 179 -20.29 -6.98 14.73
C ILE A 179 -21.24 -5.80 14.89
N THR A 180 -20.79 -4.82 15.67
CA THR A 180 -21.59 -3.68 16.03
C THR A 180 -21.42 -2.49 15.09
N SER A 181 -20.32 -2.45 14.37
CA SER A 181 -20.06 -1.40 13.38
C SER A 181 -19.43 -2.03 12.16
N ASN A 182 -19.79 -1.49 10.99
CA ASN A 182 -19.21 -1.95 9.74
C ASN A 182 -19.41 -0.83 8.73
N MSE A 183 -18.31 -0.17 8.35
CA MSE A 183 -18.42 1.01 7.45
C MSE A 183 -18.97 0.66 6.08
O MSE A 183 -19.48 1.55 5.38
CB MSE A 183 -17.11 1.76 7.31
CG MSE A 183 -16.08 0.93 6.58
SE MSE A 183 -14.44 1.92 6.24
CE MSE A 183 -14.98 3.24 4.93
N HIS A 184 -18.93 -0.62 5.71
CA HIS A 184 -19.34 -1.05 4.37
C HIS A 184 -20.82 -1.38 4.32
N LYS A 185 -21.50 -1.31 5.47
CA LYS A 185 -22.97 -1.34 5.56
C LYS A 185 -23.60 0.01 5.91
N GLU A 186 -22.81 0.89 6.55
CA GLU A 186 -23.29 2.15 7.12
C GLU A 186 -23.01 3.31 6.16
NI NI B . -0.49 -2.93 14.60
NA NA C . -3.21 -6.63 15.78
C1 PGE D . -12.22 -21.46 14.49
O1 PGE D . -11.34 -21.33 15.60
C2 PGE D . -12.04 -22.82 13.83
O2 PGE D . -12.30 -22.72 12.42
C3 PGE D . -11.34 -23.37 11.62
C4 PGE D . -11.96 -23.89 10.35
O4 PGE D . -11.80 -21.53 6.17
C6 PGE D . -11.05 -22.45 6.98
C5 PGE D . -11.85 -22.78 8.22
O3 PGE D . -11.14 -23.53 9.20
OH2 1PE E . 1.39 -2.53 -3.81
C12 1PE E . 1.88 -2.32 -5.14
C22 1PE E . 0.67 -1.92 -6.00
OH3 1PE E . 0.47 -2.66 -7.21
C13 1PE E . -0.72 -4.75 -7.68
C23 1PE E . 0.59 -4.08 -7.32
OH4 1PE E . -0.98 -5.71 -6.67
C14 1PE E . -2.47 -6.95 -5.30
C24 1PE E . -2.33 -6.12 -6.55
OH5 1PE E . -2.89 -6.14 -4.23
C15 1PE E . -3.60 -6.02 -1.93
C25 1PE E . -3.61 -6.83 -3.21
OH6 1PE E . -2.22 -5.83 -1.61
C16 1PE E . -1.28 -5.28 0.49
C26 1PE E . -1.88 -4.73 -0.77
OH7 1PE E . -0.25 -4.42 0.95
#